data_3QCG
#
_entry.id   3QCG
#
_cell.length_a   75.500
_cell.length_b   75.500
_cell.length_c   152.100
_cell.angle_alpha   90.00
_cell.angle_beta   90.00
_cell.angle_gamma   120.00
#
_symmetry.space_group_name_H-M   'P 32 2 1'
#
loop_
_entity.id
_entity.type
_entity.pdbx_description
1 polymer 'Receptor-type tyrosine-protein phosphatase gamma'
2 non-polymer '3-[(3-bromo-4-chlorobenzyl)sulfanyl]thiophene-2-carboxylic acid'
3 non-polymer 'ACETIC ACID'
4 water water
#
_entity_poly.entity_id   1
_entity_poly.type   'polypeptide(L)'
_entity_poly.pdbx_seq_one_letter_code
;GSHMGSMEAIPVKQFVKHIGELYSNNQHGFSEDFEEVQRCTADMNITAEHSNHPENKHKNRYINILAYDHSRVKLRPLPG
KDSKHSDYINANYVDGYNKAKAYIATQGPLKSTFEDFWRMIWEQNTGIIVMITNLVEKGRRKCDQYWPTENSEEYGNIIV
TLKSTKIHACYTVRRFSIRNTKVKKGQKGNPKGRQNERVVIQYHYTQWPDMGVPEYALPVLTFVRRSSAARMPETGPVLV
HCSAGVGRTGTYIVIDSMLQQIKDKSTVNVLGFLKHIRTQRNYLVQTEEQYIFIHDALLEAILGKETEVS
;
_entity_poly.pdbx_strand_id   A
#
# COMPACT_ATOMS: atom_id res chain seq x y z
N MET A 7 -25.81 -3.42 -0.95
CA MET A 7 -24.32 -3.48 -0.96
C MET A 7 -23.82 -4.64 -0.08
N GLU A 8 -24.56 -5.74 -0.10
CA GLU A 8 -24.15 -6.94 0.62
C GLU A 8 -23.01 -7.63 -0.11
N ALA A 9 -22.42 -8.62 0.54
CA ALA A 9 -21.35 -9.40 -0.06
C ALA A 9 -21.88 -10.22 -1.24
N ILE A 10 -21.02 -10.48 -2.22
CA ILE A 10 -21.37 -11.29 -3.36
C ILE A 10 -20.78 -12.70 -3.22
N PRO A 11 -21.63 -13.73 -3.36
CA PRO A 11 -21.10 -15.09 -3.31
C PRO A 11 -20.00 -15.26 -4.36
N VAL A 12 -18.91 -15.88 -3.99
CA VAL A 12 -17.74 -16.00 -4.86
C VAL A 12 -18.10 -16.70 -6.17
N LYS A 13 -19.04 -17.63 -6.11
CA LYS A 13 -19.42 -18.43 -7.28
C LYS A 13 -20.21 -17.61 -8.29
N GLN A 14 -20.61 -16.41 -7.90
CA GLN A 14 -21.36 -15.51 -8.77
C GLN A 14 -20.52 -14.30 -9.16
N PHE A 15 -19.30 -14.22 -8.66
CA PHE A 15 -18.51 -13.01 -8.77
C PHE A 15 -17.95 -12.78 -10.17
N VAL A 16 -17.52 -13.86 -10.83
CA VAL A 16 -16.99 -13.68 -12.18
C VAL A 16 -18.11 -13.31 -13.13
N LYS A 17 -19.31 -13.81 -12.88
CA LYS A 17 -20.49 -13.43 -13.65
C LYS A 17 -20.74 -11.94 -13.43
N HIS A 18 -20.62 -11.52 -12.17
CA HIS A 18 -20.78 -10.12 -11.81
C HIS A 18 -19.79 -9.24 -12.56
N ILE A 19 -18.56 -9.72 -12.71
CA ILE A 19 -17.53 -9.00 -13.44
C ILE A 19 -17.87 -8.85 -14.93
N GLY A 20 -18.44 -9.90 -15.52
CA GLY A 20 -18.90 -9.79 -16.90
C GLY A 20 -19.90 -8.66 -17.08
N GLU A 21 -20.82 -8.54 -16.12
CA GLU A 21 -21.84 -7.50 -16.21
C GLU A 21 -21.24 -6.10 -16.06
N LEU A 22 -20.26 -5.97 -15.17
CA LEU A 22 -19.60 -4.68 -14.93
C LEU A 22 -18.80 -4.23 -16.14
N TYR A 23 -18.22 -5.19 -16.84
CA TYR A 23 -17.44 -4.92 -18.05
C TYR A 23 -18.32 -4.51 -19.21
N SER A 24 -19.56 -5.00 -19.23
CA SER A 24 -20.37 -4.88 -20.44
C SER A 24 -20.70 -3.42 -20.76
N ASN A 25 -21.01 -3.15 -22.02
CA ASN A 25 -21.41 -1.82 -22.44
C ASN A 25 -20.32 -0.82 -22.07
N ASN A 26 -19.11 -1.09 -22.52
CA ASN A 26 -17.96 -0.23 -22.30
C ASN A 26 -17.76 0.12 -20.82
N GLN A 27 -17.88 -0.91 -19.98
CA GLN A 27 -17.58 -0.82 -18.56
C GLN A 27 -18.48 0.15 -17.79
N HIS A 28 -19.73 0.24 -18.23
CA HIS A 28 -20.72 1.10 -17.56
C HIS A 28 -20.81 0.78 -16.06
N GLY A 29 -20.92 -0.50 -15.73
CA GLY A 29 -21.06 -0.90 -14.34
C GLY A 29 -19.87 -0.53 -13.48
N PHE A 30 -18.66 -0.77 -13.99
CA PHE A 30 -17.43 -0.32 -13.33
C PHE A 30 -17.44 1.19 -13.10
N SER A 31 -17.83 1.95 -14.12
CA SER A 31 -17.86 3.40 -14.00
C SER A 31 -18.83 3.85 -12.89
N GLU A 32 -19.99 3.23 -12.84
CA GLU A 32 -20.97 3.55 -11.79
C GLU A 32 -20.42 3.24 -10.40
N ASP A 33 -19.81 2.07 -10.25
CA ASP A 33 -19.21 1.70 -8.98
C ASP A 33 -18.17 2.71 -8.55
N PHE A 34 -17.25 3.05 -9.44
CA PHE A 34 -16.15 3.92 -9.05
C PHE A 34 -16.59 5.36 -8.77
N GLU A 35 -17.57 5.83 -9.52
CA GLU A 35 -18.12 7.17 -9.27
C GLU A 35 -18.77 7.20 -7.89
N GLU A 36 -19.43 6.12 -7.52
CA GLU A 36 -20.01 5.98 -6.19
C GLU A 36 -18.93 6.01 -5.12
N VAL A 37 -17.80 5.35 -5.39
CA VAL A 37 -16.66 5.41 -4.49
C VAL A 37 -16.18 6.86 -4.32
N GLN A 38 -15.96 7.54 -5.44
CA GLN A 38 -15.44 8.90 -5.38
C GLN A 38 -16.43 9.84 -4.69
N ARG A 39 -17.71 9.53 -4.77
CA ARG A 39 -18.74 10.35 -4.13
C ARG A 39 -18.92 10.03 -2.64
N CYS A 40 -18.52 8.82 -2.23
CA CYS A 40 -18.87 8.34 -0.90
C CYS A 40 -18.21 9.18 0.19
N THR A 41 -17.42 10.15 -0.25
CA THR A 41 -16.76 11.11 0.64
C THR A 41 -17.61 12.38 0.76
N ALA A 42 -18.45 12.61 -0.24
CA ALA A 42 -19.15 13.89 -0.41
C ALA A 42 -19.59 14.53 0.91
N ASP A 43 -20.37 13.79 1.68
CA ASP A 43 -20.97 14.36 2.90
C ASP A 43 -20.07 14.16 4.11
N MET A 44 -18.77 14.03 3.86
CA MET A 44 -17.80 13.82 4.92
C MET A 44 -16.68 14.83 4.88
N ASN A 45 -16.55 15.58 5.97
CA ASN A 45 -15.37 16.39 6.22
C ASN A 45 -14.42 15.54 7.05
N ILE A 46 -13.24 15.26 6.51
CA ILE A 46 -12.23 14.53 7.25
C ILE A 46 -11.00 15.42 7.40
N THR A 47 -10.62 15.71 8.64
CA THR A 47 -9.58 16.71 8.87
C THR A 47 -8.20 16.13 8.65
N ALA A 48 -7.30 16.95 8.10
CA ALA A 48 -5.89 16.61 7.98
C ALA A 48 -5.07 17.84 8.37
N GLU A 49 -5.19 18.26 9.62
CA GLU A 49 -4.55 19.49 10.08
C GLU A 49 -3.03 19.34 10.11
N HIS A 50 -2.55 18.22 10.62
CA HIS A 50 -1.12 18.01 10.73
C HIS A 50 -0.44 17.96 9.38
N SER A 51 -1.10 17.32 8.40
CA SER A 51 -0.53 17.27 7.04
C SER A 51 -0.34 18.68 6.48
N ASN A 52 -1.20 19.61 6.88
CA ASN A 52 -1.22 20.95 6.30
C ASN A 52 -0.45 21.98 7.10
N HIS A 53 0.14 21.57 8.21
CA HIS A 53 0.92 22.50 9.02
C HIS A 53 2.21 22.86 8.30
N PRO A 54 2.58 24.16 8.32
CA PRO A 54 3.77 24.65 7.61
C PRO A 54 5.03 23.88 7.96
N GLU A 55 5.08 23.34 9.17
CA GLU A 55 6.25 22.60 9.63
C GLU A 55 6.38 21.23 9.00
N ASN A 56 5.27 20.74 8.45
CA ASN A 56 5.22 19.37 7.93
C ASN A 56 5.14 19.30 6.42
N LYS A 57 4.95 20.44 5.78
CA LYS A 57 4.70 20.46 4.34
C LYS A 57 5.84 19.86 3.53
N HIS A 58 7.08 20.05 3.99
CA HIS A 58 8.22 19.49 3.28
C HIS A 58 8.30 17.98 3.48
N LYS A 59 7.44 17.44 4.33
CA LYS A 59 7.45 16.00 4.62
C LYS A 59 6.43 15.25 3.74
N ASN A 60 5.66 16.00 2.97
CA ASN A 60 4.69 15.45 2.04
C ASN A 60 5.25 15.44 0.61
N ARG A 61 5.26 14.27 -0.01
CA ARG A 61 5.77 14.14 -1.38
C ARG A 61 4.90 14.93 -2.36
N TYR A 62 3.59 14.89 -2.14
CA TYR A 62 2.65 15.60 -3.02
C TYR A 62 1.74 16.52 -2.19
N ILE A 63 1.56 17.76 -2.64
CA ILE A 63 0.83 18.75 -1.86
C ILE A 63 -0.62 18.35 -1.59
N ASN A 64 -1.21 17.55 -2.48
CA ASN A 64 -2.63 17.23 -2.39
C ASN A 64 -2.89 15.85 -1.78
N ILE A 65 -1.83 15.10 -1.54
CA ILE A 65 -1.96 13.78 -0.94
C ILE A 65 -1.63 13.86 0.55
N LEU A 66 -2.68 13.85 1.36
CA LEU A 66 -2.57 14.12 2.78
C LEU A 66 -2.78 12.86 3.62
N ALA A 67 -2.51 12.98 4.91
CA ALA A 67 -2.75 11.91 5.86
C ALA A 67 -3.86 12.35 6.82
N TYR A 68 -5.01 11.69 6.77
CA TYR A 68 -6.11 12.06 7.64
C TYR A 68 -5.70 11.96 9.11
N ASP A 69 -6.03 12.98 9.90
CA ASP A 69 -5.64 13.02 11.31
C ASP A 69 -6.02 11.75 12.10
N HIS A 70 -7.26 11.30 11.96
CA HIS A 70 -7.78 10.28 12.87
C HIS A 70 -7.08 8.95 12.71
N SER A 71 -6.59 8.67 11.50
CA SER A 71 -5.93 7.39 11.23
C SER A 71 -4.43 7.53 10.97
N ARG A 72 -3.90 8.74 11.12
CA ARG A 72 -2.49 8.96 10.78
C ARG A 72 -1.58 8.22 11.76
N VAL A 73 -0.47 7.70 11.26
CA VAL A 73 0.53 7.09 12.12
C VAL A 73 1.33 8.19 12.82
N LYS A 74 1.43 8.10 14.13
CA LYS A 74 2.17 9.10 14.90
C LYS A 74 3.52 8.53 15.31
N LEU A 75 4.57 9.30 15.04
CA LEU A 75 5.89 8.96 15.55
C LEU A 75 5.96 9.45 16.99
N ARG A 76 6.65 8.70 17.84
CA ARG A 76 6.90 9.17 19.20
C ARG A 76 7.64 10.50 19.12
N PRO A 77 7.25 11.47 19.97
CA PRO A 77 7.87 12.80 19.87
C PRO A 77 9.36 12.77 20.16
N LEU A 78 10.08 13.74 19.60
CA LEU A 78 11.51 13.88 19.84
C LEU A 78 11.81 15.16 20.61
N PRO A 79 12.77 15.09 21.55
CA PRO A 79 13.24 16.27 22.29
C PRO A 79 13.84 17.34 21.36
N SER A 83 10.87 19.31 18.53
CA SER A 83 9.81 19.81 17.66
C SER A 83 8.46 19.20 18.02
N LYS A 84 7.44 20.04 18.12
CA LYS A 84 6.10 19.57 18.40
C LYS A 84 5.55 18.81 17.20
N HIS A 85 6.23 18.91 16.07
CA HIS A 85 5.76 18.30 14.84
C HIS A 85 6.66 17.16 14.38
N SER A 86 7.54 16.72 15.26
CA SER A 86 8.41 15.59 14.98
C SER A 86 7.63 14.28 15.04
N ASP A 87 6.33 14.38 15.29
CA ASP A 87 5.47 13.21 15.36
C ASP A 87 4.84 12.88 14.01
N TYR A 88 5.06 13.74 13.02
CA TYR A 88 4.34 13.61 11.76
C TYR A 88 5.07 12.78 10.69
N ILE A 89 4.31 11.90 10.05
CA ILE A 89 4.74 11.24 8.83
C ILE A 89 3.48 11.06 7.96
N ASN A 90 3.63 11.16 6.64
CA ASN A 90 2.49 11.01 5.76
C ASN A 90 2.21 9.53 5.63
N ALA A 91 1.40 9.01 6.56
CA ALA A 91 1.07 7.59 6.61
C ALA A 91 -0.20 7.40 7.45
N ASN A 92 -1.03 6.44 7.07
CA ASN A 92 -2.28 6.15 7.78
C ASN A 92 -2.42 4.67 8.03
N TYR A 93 -2.95 4.31 9.18
CA TYR A 93 -3.43 2.96 9.40
C TYR A 93 -4.62 2.71 8.47
N VAL A 94 -4.71 1.51 7.94
CA VAL A 94 -5.83 1.11 7.11
C VAL A 94 -6.24 -0.29 7.53
N ASP A 95 -7.54 -0.53 7.59
CA ASP A 95 -8.02 -1.85 8.00
C ASP A 95 -7.76 -2.90 6.92
N GLY A 96 -7.61 -4.14 7.36
CA GLY A 96 -7.65 -5.27 6.46
C GLY A 96 -8.95 -6.01 6.67
N TYR A 97 -9.07 -7.20 6.10
CA TYR A 97 -10.28 -7.99 6.29
C TYR A 97 -10.46 -8.37 7.76
N ASN A 98 -11.50 -7.82 8.37
CA ASN A 98 -11.87 -8.19 9.74
C ASN A 98 -10.73 -7.94 10.72
N LYS A 99 -9.89 -6.96 10.42
CA LYS A 99 -8.74 -6.65 11.26
C LYS A 99 -8.41 -5.16 11.17
N ALA A 100 -8.49 -4.48 12.30
CA ALA A 100 -8.22 -3.05 12.33
C ALA A 100 -6.72 -2.80 12.13
N LYS A 101 -6.38 -1.73 11.43
CA LYS A 101 -5.00 -1.29 11.33
C LYS A 101 -4.07 -2.41 10.86
N ALA A 102 -4.52 -3.17 9.87
CA ALA A 102 -3.72 -4.28 9.35
C ALA A 102 -2.56 -3.77 8.49
N TYR A 103 -2.68 -2.55 7.98
CA TYR A 103 -1.67 -1.96 7.11
C TYR A 103 -1.31 -0.57 7.58
N ILE A 104 -0.11 -0.14 7.22
CA ILE A 104 0.19 1.29 7.13
C ILE A 104 0.39 1.62 5.66
N ALA A 105 -0.47 2.49 5.12
CA ALA A 105 -0.30 2.98 3.76
C ALA A 105 0.39 4.34 3.82
N THR A 106 1.48 4.48 3.06
CA THR A 106 2.29 5.68 3.16
C THR A 106 2.94 5.99 1.81
N GLN A 107 3.39 7.23 1.65
CA GLN A 107 4.07 7.65 0.41
C GLN A 107 5.45 7.01 0.31
N GLY A 108 6.01 6.99 -0.89
CA GLY A 108 7.41 6.67 -1.01
C GLY A 108 8.20 7.71 -0.24
N PRO A 109 9.09 7.30 0.67
CA PRO A 109 9.74 8.29 1.52
C PRO A 109 10.70 9.21 0.75
N LEU A 110 10.80 10.44 1.24
CA LEU A 110 11.75 11.42 0.72
C LEU A 110 13.04 11.31 1.51
N LYS A 111 14.16 11.72 0.91
CA LYS A 111 15.42 11.72 1.63
C LYS A 111 15.26 12.37 3.00
N SER A 112 14.47 13.44 3.07
CA SER A 112 14.28 14.18 4.31
C SER A 112 13.41 13.43 5.32
N THR A 113 12.76 12.35 4.89
CA THR A 113 11.91 11.59 5.80
C THR A 113 12.37 10.15 5.99
N PHE A 114 13.56 9.83 5.47
CA PHE A 114 14.14 8.49 5.66
C PHE A 114 14.22 8.09 7.13
N GLU A 115 14.68 9.00 7.98
CA GLU A 115 14.82 8.69 9.41
C GLU A 115 13.44 8.43 10.01
N ASP A 116 12.48 9.29 9.68
CA ASP A 116 11.11 9.11 10.15
C ASP A 116 10.55 7.78 9.66
N PHE A 117 10.81 7.47 8.39
CA PHE A 117 10.30 6.26 7.77
C PHE A 117 10.72 5.04 8.57
N TRP A 118 12.03 4.90 8.80
CA TRP A 118 12.55 3.73 9.51
C TRP A 118 12.23 3.77 11.01
N ARG A 119 12.08 4.96 11.56
CA ARG A 119 11.69 5.07 12.97
C ARG A 119 10.28 4.51 13.13
N MET A 120 9.39 4.87 12.20
CA MET A 120 8.03 4.35 12.21
C MET A 120 8.04 2.82 12.13
N ILE A 121 8.88 2.28 11.26
CA ILE A 121 8.96 0.84 11.10
C ILE A 121 9.38 0.15 12.39
N TRP A 122 10.30 0.79 13.12
CA TRP A 122 10.74 0.22 14.38
C TRP A 122 9.64 0.35 15.44
N GLU A 123 9.10 1.55 15.58
CA GLU A 123 8.11 1.82 16.62
C GLU A 123 6.82 1.03 16.43
N GLN A 124 6.46 0.74 15.18
CA GLN A 124 5.23 0.02 14.89
C GLN A 124 5.44 -1.49 14.83
N ASN A 125 6.69 -1.93 14.95
CA ASN A 125 7.02 -3.34 14.88
C ASN A 125 6.67 -3.95 13.52
N THR A 126 6.77 -3.12 12.48
CA THR A 126 6.55 -3.59 11.12
C THR A 126 7.65 -4.57 10.68
N GLY A 127 7.24 -5.68 10.07
CA GLY A 127 8.21 -6.66 9.60
C GLY A 127 8.19 -6.87 8.09
N ILE A 128 7.18 -6.34 7.42
CA ILE A 128 7.04 -6.49 5.96
C ILE A 128 6.85 -5.12 5.32
N ILE A 129 7.64 -4.83 4.30
CA ILE A 129 7.43 -3.65 3.48
C ILE A 129 6.97 -4.09 2.09
N VAL A 130 5.90 -3.50 1.59
CA VAL A 130 5.44 -3.78 0.24
C VAL A 130 5.62 -2.52 -0.61
N MET A 131 6.56 -2.60 -1.54
CA MET A 131 6.88 -1.45 -2.39
C MET A 131 6.32 -1.71 -3.79
N ILE A 132 5.47 -0.80 -4.26
CA ILE A 132 4.75 -1.04 -5.51
C ILE A 132 5.02 0.08 -6.50
N THR A 133 6.29 0.36 -6.72
CA THR A 133 6.72 1.39 -7.67
C THR A 133 8.18 1.13 -7.95
N ASN A 134 8.68 1.65 -9.06
CA ASN A 134 10.12 1.75 -9.21
C ASN A 134 10.54 3.14 -8.75
N LEU A 135 11.81 3.31 -8.42
CA LEU A 135 12.30 4.58 -7.95
C LEU A 135 12.08 5.63 -9.03
N VAL A 136 12.28 5.24 -10.27
CA VAL A 136 12.09 6.10 -11.43
C VAL A 136 11.22 5.37 -12.44
N GLU A 137 10.18 6.05 -12.93
CA GLU A 137 9.33 5.46 -13.95
C GLU A 137 9.16 6.44 -15.10
N LYS A 138 9.45 5.97 -16.31
CA LYS A 138 9.39 6.82 -17.50
C LYS A 138 10.22 8.08 -17.30
N GLY A 139 11.42 7.93 -16.74
CA GLY A 139 12.31 9.06 -16.55
C GLY A 139 11.88 10.02 -15.45
N ARG A 140 10.90 9.61 -14.64
CA ARG A 140 10.36 10.48 -13.60
C ARG A 140 10.53 9.90 -12.20
N ARG A 141 11.00 10.73 -11.28
CA ARG A 141 11.27 10.35 -9.90
C ARG A 141 9.98 10.01 -9.16
N LYS A 142 9.86 8.76 -8.70
CA LYS A 142 8.65 8.34 -8.00
C LYS A 142 8.91 8.08 -6.52
N CYS A 143 10.12 7.63 -6.19
CA CYS A 143 10.47 7.29 -4.82
C CYS A 143 11.98 7.39 -4.67
N ASP A 144 12.44 7.79 -3.49
CA ASP A 144 13.88 7.84 -3.22
C ASP A 144 14.30 6.53 -2.56
N GLN A 145 15.52 6.09 -2.86
CA GLN A 145 15.98 4.81 -2.32
C GLN A 145 16.31 4.91 -0.83
N TYR A 146 15.49 4.24 -0.02
CA TYR A 146 15.58 4.35 1.43
C TYR A 146 16.27 3.14 2.06
N TRP A 147 16.80 2.25 1.23
CA TRP A 147 17.53 1.10 1.73
C TRP A 147 18.94 1.06 1.13
N PRO A 148 19.88 0.36 1.78
CA PRO A 148 21.26 0.29 1.27
C PRO A 148 21.37 -0.56 0.01
N THR A 149 22.08 -0.06 -0.99
CA THR A 149 22.34 -0.85 -2.20
C THR A 149 23.09 -2.11 -1.81
N GLU A 150 24.05 -1.97 -0.90
CA GLU A 150 24.76 -3.13 -0.37
C GLU A 150 25.21 -2.89 1.07
N ASN A 151 25.37 -3.98 1.81
CA ASN A 151 25.79 -3.91 3.21
C ASN A 151 24.85 -3.02 4.02
N SER A 152 25.40 -2.08 4.79
CA SER A 152 24.62 -1.33 5.76
C SER A 152 24.55 0.17 5.50
N GLU A 153 23.45 0.78 5.96
CA GLU A 153 23.33 2.24 5.99
C GLU A 153 22.59 2.67 7.26
N GLU A 154 22.86 3.88 7.73
CA GLU A 154 22.31 4.38 8.99
C GLU A 154 21.30 5.49 8.75
N TYR A 155 20.11 5.33 9.32
CA TYR A 155 19.08 6.37 9.25
C TYR A 155 18.67 6.76 10.65
N GLY A 156 19.29 7.80 11.20
CA GLY A 156 19.09 8.12 12.59
C GLY A 156 19.61 6.99 13.46
N ASN A 157 18.78 6.50 14.37
CA ASN A 157 19.19 5.45 15.29
C ASN A 157 18.96 4.05 14.74
N ILE A 158 18.47 3.99 13.50
CA ILE A 158 18.22 2.69 12.87
C ILE A 158 19.29 2.37 11.83
N ILE A 159 19.97 1.24 12.02
CA ILE A 159 20.94 0.76 11.03
C ILE A 159 20.38 -0.42 10.27
N VAL A 160 20.34 -0.27 8.95
CA VAL A 160 19.69 -1.25 8.08
C VAL A 160 20.74 -2.03 7.30
N THR A 161 20.66 -3.36 7.36
CA THR A 161 21.65 -4.21 6.72
C THR A 161 21.00 -5.13 5.69
N LEU A 162 21.38 -4.96 4.43
CA LEU A 162 20.90 -5.84 3.36
C LEU A 162 21.56 -7.20 3.52
N LYS A 163 20.75 -8.24 3.68
CA LYS A 163 21.24 -9.57 3.93
C LYS A 163 21.23 -10.42 2.67
N SER A 164 20.11 -10.38 1.96
CA SER A 164 19.96 -11.19 0.75
C SER A 164 18.94 -10.59 -0.18
N THR A 165 19.07 -10.90 -1.47
CA THR A 165 18.14 -10.43 -2.48
C THR A 165 17.83 -11.55 -3.45
N LYS A 166 16.55 -11.77 -3.73
CA LYS A 166 16.16 -12.60 -4.85
C LYS A 166 15.34 -11.78 -5.85
N ILE A 167 15.77 -11.80 -7.10
CA ILE A 167 15.16 -11.01 -8.17
C ILE A 167 14.37 -11.94 -9.08
N HIS A 168 13.05 -11.93 -8.90
CA HIS A 168 12.15 -12.68 -9.77
C HIS A 168 11.83 -11.86 -11.00
N ALA A 169 11.11 -12.47 -11.95
CA ALA A 169 10.72 -11.78 -13.17
C ALA A 169 9.98 -10.47 -12.92
N CYS A 170 9.04 -10.47 -11.96
CA CYS A 170 8.16 -9.32 -11.80
C CYS A 170 8.30 -8.60 -10.47
N TYR A 171 9.09 -9.17 -9.57
CA TYR A 171 9.30 -8.52 -8.29
C TYR A 171 10.59 -9.01 -7.64
N THR A 172 11.07 -8.22 -6.68
CA THR A 172 12.31 -8.51 -5.98
C THR A 172 12.07 -8.59 -4.49
N VAL A 173 12.65 -9.59 -3.83
CA VAL A 173 12.57 -9.69 -2.38
C VAL A 173 13.92 -9.39 -1.74
N ARG A 174 13.97 -8.32 -0.94
CA ARG A 174 15.18 -7.99 -0.18
C ARG A 174 14.98 -8.29 1.29
N ARG A 175 15.91 -9.04 1.86
CA ARG A 175 15.87 -9.36 3.28
C ARG A 175 16.82 -8.45 4.03
N PHE A 176 16.28 -7.67 4.97
CA PHE A 176 17.08 -6.79 5.81
C PHE A 176 17.16 -7.27 7.25
N SER A 177 18.20 -6.83 7.94
CA SER A 177 18.22 -6.84 9.40
C SER A 177 18.44 -5.41 9.85
N ILE A 178 17.55 -4.90 10.69
CA ILE A 178 17.67 -3.54 11.17
C ILE A 178 17.98 -3.53 12.67
N ARG A 179 18.74 -2.54 13.11
CA ARG A 179 19.16 -2.46 14.50
C ARG A 179 18.90 -1.06 15.03
N ASN A 180 18.37 -0.99 16.26
CA ASN A 180 18.23 0.29 16.93
C ASN A 180 19.43 0.50 17.86
N THR A 181 20.16 1.58 17.62
CA THR A 181 21.40 1.82 18.35
C THR A 181 21.13 2.29 19.79
N LYS A 182 19.89 2.66 20.07
CA LYS A 182 19.51 3.13 21.40
C LYS A 182 18.83 2.05 22.24
N VAL A 183 18.73 0.84 21.70
CA VAL A 183 18.20 -0.30 22.45
C VAL A 183 19.32 -1.26 22.81
N LYS A 184 19.21 -1.89 23.97
CA LYS A 184 20.23 -2.83 24.44
C LYS A 184 19.77 -4.27 24.26
N GLN A 195 17.11 -8.30 21.21
CA GLN A 195 15.93 -7.46 21.26
C GLN A 195 16.17 -6.15 20.51
N ASN A 196 17.42 -5.92 20.11
CA ASN A 196 17.77 -4.68 19.42
C ASN A 196 17.87 -4.88 17.91
N GLU A 197 17.70 -6.12 17.45
CA GLU A 197 17.72 -6.43 16.02
C GLU A 197 16.42 -7.09 15.55
N ARG A 198 15.98 -6.73 14.35
CA ARG A 198 14.78 -7.34 13.76
C ARG A 198 14.96 -7.61 12.26
N VAL A 199 14.30 -8.66 11.78
CA VAL A 199 14.21 -8.91 10.35
C VAL A 199 13.09 -8.08 9.74
N VAL A 200 13.40 -7.39 8.65
CA VAL A 200 12.38 -6.75 7.82
C VAL A 200 12.55 -7.24 6.38
N ILE A 201 11.47 -7.77 5.83
CA ILE A 201 11.50 -8.22 4.43
C ILE A 201 10.73 -7.25 3.54
N GLN A 202 11.38 -6.82 2.47
CA GLN A 202 10.78 -5.91 1.51
C GLN A 202 10.34 -6.67 0.27
N TYR A 203 9.06 -6.55 -0.09
CA TYR A 203 8.54 -7.08 -1.35
C TYR A 203 8.35 -5.92 -2.32
N HIS A 204 9.10 -5.97 -3.42
CA HIS A 204 9.22 -4.82 -4.32
C HIS A 204 8.73 -5.24 -5.71
N TYR A 205 7.53 -4.81 -6.10
CA TYR A 205 7.04 -5.12 -7.45
C TYR A 205 7.76 -4.22 -8.45
N THR A 206 8.36 -4.83 -9.47
CA THR A 206 9.31 -4.13 -10.33
C THR A 206 8.86 -3.96 -11.79
N GLN A 207 7.78 -4.61 -12.19
CA GLN A 207 7.43 -4.67 -13.61
C GLN A 207 6.31 -3.72 -14.03
N TRP A 208 6.40 -2.46 -13.66
N TRP A 208 6.72 -2.45 -14.09
CA TRP A 208 5.16 -1.69 -13.64
CA TRP A 208 5.97 -1.38 -14.72
C TRP A 208 5.15 -0.56 -14.65
C TRP A 208 6.41 -1.09 -16.17
N PRO A 209 4.13 -0.55 -15.52
N PRO A 209 5.45 -1.08 -17.11
CA PRO A 209 4.03 0.41 -16.62
CA PRO A 209 5.69 -0.94 -18.55
C PRO A 209 3.90 1.83 -16.11
C PRO A 209 6.14 0.46 -19.00
N ASP A 210 4.66 2.73 -16.73
N ASP A 210 6.90 0.51 -20.09
CA ASP A 210 4.63 4.15 -16.40
CA ASP A 210 7.37 1.76 -20.66
C ASP A 210 3.20 4.67 -16.42
C ASP A 210 6.22 2.73 -20.95
N MET A 211 2.43 4.22 -17.42
N MET A 211 5.15 2.18 -21.51
CA MET A 211 1.04 4.62 -17.53
CA MET A 211 3.96 2.98 -21.78
C MET A 211 0.12 3.42 -17.29
C MET A 211 2.72 2.33 -21.18
N GLY A 212 -0.98 3.66 -16.57
N GLY A 212 1.83 3.15 -20.65
CA GLY A 212 -1.99 2.64 -16.40
CA GLY A 212 0.54 2.65 -20.20
C GLY A 212 -1.59 1.50 -15.49
C GLY A 212 0.58 1.88 -18.89
N VAL A 213 -2.25 0.35 -15.65
N VAL A 213 -0.31 0.90 -18.78
CA VAL A 213 -2.00 -0.82 -14.83
CA VAL A 213 -0.59 0.20 -17.54
C VAL A 213 -1.50 -1.98 -15.69
C VAL A 213 -0.34 -1.30 -17.68
N PRO A 214 -0.82 -2.96 -15.06
N PRO A 214 0.01 -1.98 -16.57
CA PRO A 214 -0.25 -4.07 -15.82
CA PRO A 214 0.12 -3.45 -16.62
C PRO A 214 -1.34 -4.75 -16.65
C PRO A 214 -1.17 -4.14 -17.08
N GLU A 215 -0.98 -5.23 -17.83
CA GLU A 215 -2.00 -5.77 -18.72
C GLU A 215 -2.61 -7.05 -18.18
N TYR A 216 -1.83 -7.79 -17.40
CA TYR A 216 -2.29 -9.07 -16.85
C TYR A 216 -2.22 -9.06 -15.33
N ALA A 217 -3.24 -9.62 -14.71
CA ALA A 217 -3.36 -9.58 -13.25
C ALA A 217 -2.58 -10.69 -12.57
N LEU A 218 -2.33 -11.79 -13.26
CA LEU A 218 -1.78 -12.98 -12.60
C LEU A 218 -0.46 -12.71 -11.88
N PRO A 219 0.48 -12.01 -12.53
CA PRO A 219 1.76 -11.70 -11.89
C PRO A 219 1.57 -10.93 -10.57
N VAL A 220 0.59 -10.04 -10.55
CA VAL A 220 0.32 -9.27 -9.34
C VAL A 220 -0.37 -10.13 -8.28
N LEU A 221 -1.27 -11.00 -8.70
CA LEU A 221 -1.90 -11.94 -7.77
C LEU A 221 -0.81 -12.72 -7.04
N THR A 222 0.16 -13.22 -7.80
CA THR A 222 1.23 -14.02 -7.22
C THR A 222 2.03 -13.21 -6.22
N PHE A 223 2.32 -11.96 -6.58
CA PHE A 223 3.02 -11.04 -5.70
C PHE A 223 2.22 -10.77 -4.41
N VAL A 224 0.91 -10.60 -4.53
CA VAL A 224 0.07 -10.35 -3.35
C VAL A 224 0.06 -11.57 -2.43
N ARG A 225 -0.14 -12.75 -3.00
CA ARG A 225 -0.17 -13.98 -2.21
C ARG A 225 1.11 -14.21 -1.42
N ARG A 226 2.26 -14.00 -2.07
CA ARG A 226 3.53 -14.30 -1.42
C ARG A 226 3.93 -13.24 -0.40
N SER A 227 3.67 -11.97 -0.72
CA SER A 227 4.01 -10.91 0.21
C SER A 227 3.08 -10.94 1.43
N SER A 228 1.84 -11.38 1.20
CA SER A 228 0.85 -11.47 2.27
C SER A 228 1.13 -12.67 3.17
N ALA A 229 1.56 -13.77 2.57
CA ALA A 229 1.85 -14.99 3.33
C ALA A 229 3.10 -14.81 4.21
N ALA A 230 3.91 -13.81 3.88
CA ALA A 230 5.11 -13.52 4.65
C ALA A 230 4.79 -12.85 5.98
N ARG A 231 3.57 -12.34 6.12
CA ARG A 231 3.17 -11.69 7.37
C ARG A 231 3.29 -12.70 8.51
N MET A 232 3.96 -12.31 9.57
CA MET A 232 4.19 -13.19 10.70
C MET A 232 3.29 -12.87 11.88
N PRO A 233 2.80 -13.91 12.57
CA PRO A 233 2.15 -13.76 13.87
C PRO A 233 3.23 -13.61 14.95
N GLU A 234 3.13 -12.56 15.75
CA GLU A 234 2.14 -11.52 15.54
C GLU A 234 2.86 -10.19 15.62
N THR A 235 2.82 -9.46 14.50
CA THR A 235 3.70 -8.34 14.30
C THR A 235 2.91 -7.07 14.02
N GLY A 236 3.62 -5.98 13.77
CA GLY A 236 2.96 -4.74 13.43
C GLY A 236 2.29 -4.80 12.07
N PRO A 237 1.62 -3.72 11.68
CA PRO A 237 0.96 -3.66 10.37
C PRO A 237 1.97 -3.77 9.22
N VAL A 238 1.54 -4.37 8.11
CA VAL A 238 2.36 -4.41 6.90
C VAL A 238 2.40 -3.02 6.27
N LEU A 239 3.61 -2.52 6.00
CA LEU A 239 3.77 -1.21 5.38
C LEU A 239 3.64 -1.34 3.86
N VAL A 240 2.73 -0.57 3.27
CA VAL A 240 2.49 -0.61 1.84
C VAL A 240 2.70 0.80 1.30
N HIS A 241 3.54 0.95 0.29
CA HIS A 241 3.72 2.24 -0.35
C HIS A 241 3.92 2.11 -1.85
N CYS A 242 3.55 3.15 -2.58
CA CYS A 242 4.00 3.33 -3.96
C CYS A 242 4.69 4.69 -4.01
N SER A 243 4.24 5.58 -4.88
CA SER A 243 4.81 6.92 -4.88
C SER A 243 4.00 7.79 -3.91
N ALA A 244 2.74 8.03 -4.25
CA ALA A 244 1.86 8.81 -3.38
C ALA A 244 1.32 7.96 -2.23
N GLY A 245 1.28 6.65 -2.43
CA GLY A 245 0.79 5.76 -1.40
C GLY A 245 -0.72 5.74 -1.31
N VAL A 246 -1.39 5.92 -2.45
CA VAL A 246 -2.84 5.81 -2.49
C VAL A 246 -3.36 4.89 -3.61
N GLY A 247 -2.83 5.05 -4.81
CA GLY A 247 -3.39 4.34 -5.95
C GLY A 247 -3.10 2.86 -5.95
N ARG A 248 -1.86 2.50 -6.30
CA ARG A 248 -1.43 1.11 -6.29
C ARG A 248 -1.49 0.53 -4.87
N THR A 249 -1.24 1.38 -3.88
CA THR A 249 -1.30 0.95 -2.48
C THR A 249 -2.71 0.51 -2.09
N GLY A 250 -3.72 1.29 -2.43
CA GLY A 250 -5.08 0.89 -2.17
C GLY A 250 -5.45 -0.36 -2.94
N THR A 251 -4.94 -0.46 -4.17
CA THR A 251 -5.23 -1.63 -5.00
C THR A 251 -4.74 -2.90 -4.34
N TYR A 252 -3.51 -2.86 -3.83
CA TYR A 252 -2.93 -4.00 -3.10
C TYR A 252 -3.81 -4.38 -1.89
N ILE A 253 -4.14 -3.39 -1.09
CA ILE A 253 -4.88 -3.62 0.14
C ILE A 253 -6.24 -4.26 -0.12
N VAL A 254 -6.97 -3.76 -1.12
CA VAL A 254 -8.26 -4.37 -1.46
C VAL A 254 -8.10 -5.81 -1.96
N ILE A 255 -7.16 -6.03 -2.88
CA ILE A 255 -6.93 -7.39 -3.38
C ILE A 255 -6.60 -8.36 -2.25
N ASP A 256 -5.63 -8.00 -1.42
CA ASP A 256 -5.20 -8.84 -0.31
C ASP A 256 -6.38 -9.13 0.63
N SER A 257 -7.10 -8.08 1.01
CA SER A 257 -8.22 -8.21 1.93
C SER A 257 -9.36 -9.06 1.37
N MET A 258 -9.66 -8.90 0.09
CA MET A 258 -10.74 -9.66 -0.51
C MET A 258 -10.36 -11.13 -0.71
N LEU A 259 -9.08 -11.40 -0.92
CA LEU A 259 -8.61 -12.79 -0.92
C LEU A 259 -8.86 -13.40 0.46
N GLN A 260 -8.63 -12.63 1.51
CA GLN A 260 -8.89 -13.11 2.87
C GLN A 260 -10.37 -13.39 3.06
N GLN A 261 -11.22 -12.47 2.62
CA GLN A 261 -12.66 -12.66 2.77
C GLN A 261 -13.14 -13.89 2.02
N ILE A 262 -12.64 -14.08 0.80
CA ILE A 262 -13.00 -15.25 0.01
C ILE A 262 -12.63 -16.52 0.76
N LYS A 263 -11.44 -16.52 1.37
CA LYS A 263 -10.96 -17.69 2.10
C LYS A 263 -11.82 -17.95 3.34
N ASP A 264 -12.22 -16.88 3.99
CA ASP A 264 -12.99 -17.01 5.23
C ASP A 264 -14.45 -17.36 4.97
N LYS A 265 -15.08 -16.66 4.03
CA LYS A 265 -16.53 -16.75 3.87
C LYS A 265 -17.02 -17.06 2.47
N SER A 266 -16.09 -17.15 1.51
CA SER A 266 -16.46 -17.44 0.13
C SER A 266 -17.39 -16.38 -0.42
N THR A 267 -17.22 -15.15 0.04
CA THR A 267 -17.93 -14.00 -0.51
C THR A 267 -16.94 -12.88 -0.81
N VAL A 268 -17.37 -11.91 -1.62
CA VAL A 268 -16.52 -10.78 -2.00
C VAL A 268 -17.30 -9.48 -1.83
N ASN A 269 -16.64 -8.46 -1.29
CA ASN A 269 -17.27 -7.13 -1.19
C ASN A 269 -16.30 -6.01 -1.52
N VAL A 270 -15.88 -5.93 -2.79
CA VAL A 270 -14.94 -4.91 -3.22
C VAL A 270 -15.45 -3.50 -2.95
N LEU A 271 -16.67 -3.21 -3.40
CA LEU A 271 -17.22 -1.86 -3.31
C LEU A 271 -17.38 -1.38 -1.87
N GLY A 272 -17.97 -2.25 -1.03
CA GLY A 272 -18.19 -1.87 0.36
C GLY A 272 -16.89 -1.69 1.12
N PHE A 273 -15.94 -2.59 0.89
CA PHE A 273 -14.67 -2.48 1.60
C PHE A 273 -13.91 -1.23 1.17
N LEU A 274 -13.98 -0.89 -0.11
CA LEU A 274 -13.22 0.26 -0.60
C LEU A 274 -13.81 1.57 -0.08
N LYS A 275 -15.13 1.64 -0.02
CA LYS A 275 -15.76 2.85 0.50
C LYS A 275 -15.35 3.04 1.96
N HIS A 276 -15.18 1.94 2.67
CA HIS A 276 -14.74 1.94 4.06
C HIS A 276 -13.32 2.48 4.24
N ILE A 277 -12.35 1.89 3.55
CA ILE A 277 -10.98 2.37 3.72
C ILE A 277 -10.72 3.76 3.15
N ARG A 278 -11.56 4.21 2.22
CA ARG A 278 -11.45 5.58 1.70
C ARG A 278 -11.57 6.63 2.81
N THR A 279 -12.19 6.25 3.93
CA THR A 279 -12.26 7.16 5.08
C THR A 279 -10.95 7.15 5.89
N GLN A 280 -10.07 6.19 5.62
CA GLN A 280 -8.84 6.05 6.38
C GLN A 280 -7.57 6.62 5.71
N ARG A 281 -7.52 6.62 4.38
CA ARG A 281 -6.54 7.42 3.66
C ARG A 281 -7.14 7.93 2.36
N ASN A 282 -6.90 9.19 2.01
CA ASN A 282 -7.54 9.74 0.83
C ASN A 282 -7.13 9.01 -0.44
N TYR A 283 -8.10 8.79 -1.33
CA TYR A 283 -7.86 8.35 -2.70
C TYR A 283 -7.39 6.92 -2.85
N LEU A 284 -7.52 6.10 -1.81
CA LEU A 284 -7.09 4.70 -1.95
C LEU A 284 -7.83 4.11 -3.14
N VAL A 285 -7.07 3.52 -4.06
CA VAL A 285 -7.56 3.11 -5.36
C VAL A 285 -8.01 4.37 -6.11
N GLN A 286 -7.10 4.92 -6.88
CA GLN A 286 -7.23 6.30 -7.34
C GLN A 286 -7.95 6.42 -8.68
N THR A 287 -7.93 5.34 -9.47
CA THR A 287 -8.52 5.38 -10.79
C THR A 287 -9.45 4.21 -11.06
N GLU A 288 -10.32 4.38 -12.06
CA GLU A 288 -11.24 3.33 -12.44
C GLU A 288 -10.49 2.13 -12.99
N GLU A 289 -9.34 2.37 -13.61
CA GLU A 289 -8.53 1.27 -14.17
C GLU A 289 -8.00 0.37 -13.07
N GLN A 290 -7.56 0.98 -11.96
CA GLN A 290 -7.10 0.20 -10.82
C GLN A 290 -8.27 -0.57 -10.19
N TYR A 291 -9.44 0.06 -10.14
CA TYR A 291 -10.65 -0.58 -9.61
C TYR A 291 -10.99 -1.84 -10.43
N ILE A 292 -10.92 -1.73 -11.75
CA ILE A 292 -11.15 -2.89 -12.62
C ILE A 292 -10.07 -3.94 -12.41
N PHE A 293 -8.83 -3.48 -12.26
CA PHE A 293 -7.70 -4.40 -12.09
C PHE A 293 -7.86 -5.27 -10.83
N ILE A 294 -8.36 -4.68 -9.75
CA ILE A 294 -8.68 -5.44 -8.55
C ILE A 294 -9.58 -6.61 -8.88
N HIS A 295 -10.61 -6.35 -9.68
CA HIS A 295 -11.53 -7.39 -10.08
C HIS A 295 -10.85 -8.48 -10.91
N ASP A 296 -9.98 -8.07 -11.83
CA ASP A 296 -9.25 -9.04 -12.66
C ASP A 296 -8.38 -9.96 -11.80
N ALA A 297 -7.73 -9.38 -10.80
CA ALA A 297 -6.89 -10.17 -9.90
C ALA A 297 -7.71 -11.19 -9.12
N LEU A 298 -8.89 -10.77 -8.66
CA LEU A 298 -9.75 -11.67 -7.88
C LEU A 298 -10.33 -12.73 -8.81
N LEU A 299 -10.66 -12.32 -10.03
CA LEU A 299 -11.10 -13.26 -11.06
C LEU A 299 -10.06 -14.35 -11.29
N GLU A 300 -8.80 -13.97 -11.41
CA GLU A 300 -7.73 -14.94 -11.63
C GLU A 300 -7.64 -15.92 -10.46
N ALA A 301 -7.83 -15.41 -9.25
CA ALA A 301 -7.80 -16.25 -8.05
C ALA A 301 -8.95 -17.25 -8.05
N ILE A 302 -10.15 -16.77 -8.36
CA ILE A 302 -11.33 -17.61 -8.34
C ILE A 302 -11.28 -18.70 -9.41
N LEU A 303 -10.90 -18.32 -10.62
CA LEU A 303 -10.85 -19.27 -11.73
C LEU A 303 -9.66 -20.21 -11.59
N GLY A 304 -8.58 -19.70 -11.00
CA GLY A 304 -7.40 -20.52 -10.81
C GLY A 304 -7.66 -21.68 -9.86
N LYS A 305 -8.75 -21.61 -9.12
CA LYS A 305 -9.15 -22.69 -8.21
C LYS A 305 -10.19 -23.59 -8.87
#